data_1VR3
#
_entry.id   1VR3
#
_cell.length_a   79.136
_cell.length_b   79.136
_cell.length_c   114.128
_cell.angle_alpha   90.00
_cell.angle_beta   90.00
_cell.angle_gamma   90.00
#
_symmetry.space_group_name_H-M   'P 41 21 2'
#
loop_
_entity.id
_entity.type
_entity.pdbx_description
1 polymer 'Acireductone dioxygenase'
2 non-polymer 'NICKEL (II) ION'
3 non-polymer 'UNKNOWN LIGAND'
4 non-polymer 'ISOPROPYL ALCOHOL'
5 water water
#
_entity_poly.entity_id   1
_entity_poly.type   'polypeptide(L)'
_entity_poly.pdbx_seq_one_letter_code
;(MSE)GSDKIHHHHHH(MSE)VQAWY(MSE)DESTADPRKPHRAQPDRPVSLEQLRTLGVLYWKLDADKYENDPELEKIR
K(MSE)RNYSW(MSE)DIITICKDTLPNYEEKIK(MSE)FFEEHLHLDEEIRYILEGSGYFDVRDKEDKWIRIS(MSE)E
KGD(MSE)ITLPAGIYHRFTLDEKNYVKA(MSE)RLFVGEPVWTPYNRPADHFDARVQY(MSE)SFLEGTA
;
_entity_poly.pdbx_strand_id   A
#
loop_
_chem_comp.id
_chem_comp.type
_chem_comp.name
_chem_comp.formula
IPA non-polymer 'ISOPROPYL ALCOHOL' 'C3 H8 O'
NI non-polymer 'NICKEL (II) ION' 'Ni 2'
UNL non-polymer 'UNKNOWN LIGAND' ?
#
# COMPACT_ATOMS: atom_id res chain seq x y z
N MSE A 13 -11.56 -6.91 11.19
CA MSE A 13 -11.25 -7.15 9.72
C MSE A 13 -10.83 -5.85 8.98
O MSE A 13 -11.32 -4.74 9.29
CB MSE A 13 -12.45 -7.82 9.01
N VAL A 14 -9.92 -6.00 8.01
CA VAL A 14 -9.31 -4.84 7.34
C VAL A 14 -10.35 -4.01 6.57
N GLN A 15 -10.25 -2.69 6.71
CA GLN A 15 -11.27 -1.80 6.20
C GLN A 15 -10.74 -1.03 4.98
N ALA A 16 -11.56 -0.94 3.95
CA ALA A 16 -11.26 -0.16 2.76
C ALA A 16 -12.57 0.50 2.30
N TRP A 17 -12.46 1.66 1.67
CA TRP A 17 -13.64 2.33 1.22
C TRP A 17 -13.38 3.24 0.05
N TYR A 18 -14.44 3.51 -0.71
CA TYR A 18 -14.40 4.60 -1.67
C TYR A 18 -14.37 5.90 -0.92
N MSE A 19 -13.64 6.85 -1.48
CA MSE A 19 -13.39 8.14 -0.86
C MSE A 19 -14.34 9.20 -1.29
O MSE A 19 -14.88 9.17 -2.39
CB MSE A 19 -11.99 8.63 -1.24
CG MSE A 19 -10.98 7.70 -0.76
SE MSE A 19 -9.11 8.31 -1.02
CE MSE A 19 -9.04 9.96 0.31
N ASP A 20 -14.50 10.19 -0.42
CA ASP A 20 -15.33 11.34 -0.71
C ASP A 20 -14.62 12.25 -1.71
N GLU A 21 -15.24 13.40 -1.97
CA GLU A 21 -14.80 14.28 -3.02
C GLU A 21 -14.01 15.49 -2.50
N SER A 22 -13.68 15.51 -1.22
CA SER A 22 -12.85 16.57 -0.64
C SER A 22 -11.37 16.37 -0.96
N THR A 23 -10.70 17.44 -1.33
CA THR A 23 -9.25 17.40 -1.54
C THR A 23 -8.45 17.96 -0.36
N ALA A 24 -9.13 18.30 0.73
CA ALA A 24 -8.48 18.82 1.92
C ALA A 24 -8.04 17.68 2.83
N ASP A 25 -7.00 17.93 3.62
CA ASP A 25 -6.62 17.11 4.78
C ASP A 25 -6.55 15.61 4.46
N PRO A 26 -5.51 15.20 3.74
CA PRO A 26 -5.37 13.82 3.32
C PRO A 26 -5.31 12.76 4.43
N ARG A 27 -4.97 13.15 5.66
CA ARG A 27 -4.91 12.18 6.76
C ARG A 27 -6.25 11.84 7.38
N LYS A 28 -7.28 12.63 7.07
CA LYS A 28 -8.62 12.32 7.50
C LYS A 28 -9.15 11.10 6.73
N PRO A 29 -10.16 10.41 7.26
CA PRO A 29 -10.60 9.16 6.63
C PRO A 29 -11.21 9.35 5.23
N HIS A 30 -11.89 10.46 4.99
CA HIS A 30 -12.49 10.73 3.68
C HIS A 30 -13.41 9.63 3.20
N ARG A 31 -14.25 9.10 4.08
CA ARG A 31 -15.23 8.10 3.69
C ARG A 31 -16.31 8.75 2.85
N ALA A 32 -16.61 8.16 1.70
CA ALA A 32 -17.76 8.62 0.89
C ALA A 32 -19.03 8.47 1.70
N GLN A 33 -20.01 9.32 1.41
CA GLN A 33 -21.29 9.27 2.09
C GLN A 33 -22.40 9.18 1.02
N PRO A 34 -23.22 8.12 1.08
CA PRO A 34 -23.21 7.09 2.13
C PRO A 34 -22.00 6.17 1.97
N ASP A 35 -21.66 5.43 3.03
CA ASP A 35 -20.51 4.52 3.04
C ASP A 35 -20.53 3.61 1.84
N ARG A 36 -19.36 3.45 1.22
CA ARG A 36 -19.18 2.50 0.15
C ARG A 36 -17.94 1.70 0.49
N PRO A 37 -18.12 0.64 1.31
CA PRO A 37 -17.03 -0.25 1.70
C PRO A 37 -16.52 -1.10 0.55
N VAL A 38 -15.25 -1.46 0.63
CA VAL A 38 -14.64 -2.27 -0.37
C VAL A 38 -14.13 -3.53 0.32
N SER A 39 -14.41 -4.67 -0.29
CA SER A 39 -14.02 -5.94 0.29
C SER A 39 -12.64 -6.38 -0.18
N LEU A 40 -12.06 -7.33 0.54
CA LEU A 40 -10.80 -7.94 0.12
C LEU A 40 -10.93 -8.59 -1.25
N GLU A 41 -12.07 -9.17 -1.51
CA GLU A 41 -12.31 -9.76 -2.82
C GLU A 41 -12.22 -8.73 -3.94
N GLN A 42 -12.82 -7.56 -3.75
CA GLN A 42 -12.70 -6.52 -4.78
C GLN A 42 -11.25 -6.10 -4.91
N LEU A 43 -10.52 -6.01 -3.80
CA LEU A 43 -9.14 -5.63 -3.86
C LEU A 43 -8.34 -6.67 -4.65
N ARG A 44 -8.68 -7.95 -4.52
CA ARG A 44 -7.93 -8.97 -5.24
C ARG A 44 -8.13 -8.83 -6.73
N THR A 45 -9.30 -8.37 -7.19
CA THR A 45 -9.49 -8.09 -8.61
C THR A 45 -8.56 -7.01 -9.13
N LEU A 46 -8.08 -6.16 -8.25
CA LEU A 46 -7.06 -5.17 -8.58
C LEU A 46 -5.63 -5.69 -8.42
N GLY A 47 -5.49 -6.94 -7.97
CA GLY A 47 -4.17 -7.51 -7.73
C GLY A 47 -3.60 -7.22 -6.36
N VAL A 48 -4.40 -6.59 -5.49
CA VAL A 48 -3.92 -6.18 -4.18
C VAL A 48 -4.17 -7.37 -3.26
N LEU A 49 -3.11 -7.87 -2.63
CA LEU A 49 -3.23 -9.01 -1.73
C LEU A 49 -2.96 -8.63 -0.30
N TYR A 50 -3.52 -9.42 0.61
CA TYR A 50 -3.54 -9.08 2.01
C TYR A 50 -3.36 -10.31 2.88
N TRP A 51 -2.58 -10.17 3.94
CA TRP A 51 -2.46 -11.20 4.97
C TRP A 51 -2.50 -10.56 6.34
N LYS A 52 -3.07 -11.25 7.34
CA LYS A 52 -3.12 -10.77 8.72
C LYS A 52 -2.12 -11.58 9.52
N LEU A 53 -1.21 -10.92 10.23
CA LEU A 53 -0.20 -11.62 11.03
C LEU A 53 -0.17 -11.07 12.45
N ASP A 54 0.46 -11.79 13.38
CA ASP A 54 0.70 -11.28 14.73
C ASP A 54 2.00 -10.46 14.72
N ALA A 55 1.84 -9.14 14.71
CA ALA A 55 2.95 -8.25 14.55
C ALA A 55 3.91 -8.24 15.71
N ASP A 56 3.51 -8.72 16.88
CA ASP A 56 4.51 -8.82 17.96
C ASP A 56 5.58 -9.84 17.66
N LYS A 57 5.25 -10.79 16.81
CA LYS A 57 6.18 -11.89 16.50
C LYS A 57 7.07 -11.63 15.28
N TYR A 58 7.16 -10.38 14.84
CA TYR A 58 7.68 -10.11 13.50
C TYR A 58 9.15 -10.50 13.32
N GLU A 59 9.92 -10.48 14.39
CA GLU A 59 11.33 -10.85 14.29
C GLU A 59 11.52 -12.36 14.14
N ASN A 60 10.52 -13.15 14.53
CA ASN A 60 10.60 -14.59 14.44
C ASN A 60 9.20 -15.19 14.33
N ASP A 61 8.66 -15.17 13.11
CA ASP A 61 7.33 -15.61 12.85
C ASP A 61 7.29 -16.61 11.69
N PRO A 62 7.07 -17.90 11.99
CA PRO A 62 6.95 -18.92 10.96
C PRO A 62 5.85 -18.61 9.93
N GLU A 63 4.79 -17.90 10.32
CA GLU A 63 3.73 -17.55 9.37
C GLU A 63 4.17 -16.48 8.38
N LEU A 64 5.00 -15.54 8.81
CA LEU A 64 5.53 -14.54 7.91
C LEU A 64 6.46 -15.24 6.98
N GLU A 65 7.22 -16.17 7.53
CA GLU A 65 8.21 -16.87 6.73
C GLU A 65 7.55 -17.68 5.61
N LYS A 66 6.41 -18.28 5.89
CA LYS A 66 5.67 -18.98 4.85
C LYS A 66 5.28 -18.07 3.70
N ILE A 67 4.86 -16.86 3.99
CA ILE A 67 4.46 -15.92 2.96
C ILE A 67 5.68 -15.51 2.15
N ARG A 68 6.73 -15.17 2.84
CA ARG A 68 7.94 -14.70 2.20
C ARG A 68 8.53 -15.75 1.27
N LYS A 69 8.55 -16.99 1.71
CA LYS A 69 9.05 -18.07 0.86
C LYS A 69 8.15 -18.29 -0.37
N MSE A 70 6.86 -18.28 -0.14
CA MSE A 70 5.92 -18.47 -1.21
C MSE A 70 6.07 -17.42 -2.26
O MSE A 70 6.08 -17.70 -3.43
CB MSE A 70 4.51 -18.45 -0.68
CG MSE A 70 3.44 -18.39 -1.75
SE MSE A 70 1.59 -18.35 -0.91
CE MSE A 70 1.55 -16.50 -0.10
N ARG A 71 6.20 -16.17 -1.83
CA ARG A 71 6.18 -15.03 -2.71
C ARG A 71 7.59 -14.55 -3.13
N ASN A 72 8.65 -15.18 -2.64
CA ASN A 72 10.03 -14.80 -3.04
C ASN A 72 10.44 -13.42 -2.46
N TYR A 73 9.91 -13.06 -1.31
CA TYR A 73 10.23 -11.76 -0.63
C TYR A 73 11.49 -11.99 0.16
N SER A 74 12.59 -12.04 -0.56
CA SER A 74 13.86 -12.41 -0.01
C SER A 74 14.56 -11.27 0.72
N TRP A 75 14.03 -10.05 0.62
CA TRP A 75 14.68 -8.90 1.21
C TRP A 75 13.70 -8.16 2.10
N MSE A 76 14.18 -7.67 3.24
CA MSE A 76 13.32 -6.87 4.12
C MSE A 76 14.08 -5.86 4.91
O MSE A 76 15.26 -6.00 5.13
CB MSE A 76 12.45 -7.75 5.03
CG MSE A 76 13.16 -8.49 6.10
SE MSE A 76 13.31 -7.44 7.81
CE MSE A 76 13.69 -9.06 9.14
N ASP A 77 13.41 -4.78 5.31
CA ASP A 77 13.96 -3.86 6.31
C ASP A 77 12.79 -3.21 7.03
N ILE A 78 13.09 -2.39 8.01
CA ILE A 78 12.08 -1.80 8.85
C ILE A 78 12.28 -0.29 8.71
N ILE A 79 11.18 0.39 8.50
CA ILE A 79 11.13 1.83 8.37
C ILE A 79 10.10 2.36 9.42
N THR A 80 10.41 3.52 9.98
CA THR A 80 9.52 4.19 10.90
C THR A 80 9.30 5.57 10.33
N ILE A 81 8.03 5.91 10.12
CA ILE A 81 7.67 7.20 9.59
C ILE A 81 7.02 8.06 10.67
N CYS A 82 7.72 9.09 11.10
CA CYS A 82 7.15 10.07 12.02
C CYS A 82 8.02 11.35 12.06
N LYS A 83 7.36 12.48 12.35
CA LYS A 83 8.01 13.80 12.35
C LYS A 83 9.46 13.77 12.87
N ASP A 84 9.69 13.07 13.97
CA ASP A 84 10.96 13.18 14.68
C ASP A 84 12.04 12.29 14.11
N THR A 85 11.77 11.01 13.94
CA THR A 85 12.84 10.07 13.60
C THR A 85 13.22 10.15 12.12
N LEU A 86 12.25 10.38 11.23
CA LEU A 86 12.50 10.22 9.78
C LEU A 86 13.28 11.39 9.17
N PRO A 87 14.41 11.07 8.50
CA PRO A 87 15.18 12.15 7.89
C PRO A 87 14.50 12.63 6.62
N ASN A 88 14.46 13.94 6.43
CA ASN A 88 13.84 14.54 5.27
C ASN A 88 12.35 14.20 5.25
N TYR A 89 11.72 14.34 6.42
CA TYR A 89 10.35 13.87 6.67
C TYR A 89 9.31 14.58 5.79
N GLU A 90 9.31 15.90 5.86
CA GLU A 90 8.30 16.68 5.15
C GLU A 90 8.31 16.46 3.64
N GLU A 91 9.50 16.30 3.08
CA GLU A 91 9.66 16.02 1.66
C GLU A 91 9.19 14.62 1.29
N LYS A 92 9.67 13.62 2.03
CA LYS A 92 9.26 12.23 1.83
C LYS A 92 7.72 12.03 1.90
N ILE A 93 7.09 12.69 2.87
CA ILE A 93 5.65 12.62 3.09
C ILE A 93 4.88 13.18 1.90
N LYS A 94 5.36 14.30 1.37
CA LYS A 94 4.84 14.90 0.13
C LYS A 94 4.95 13.90 -1.04
N MSE A 95 6.13 13.32 -1.23
CA MSE A 95 6.31 12.37 -2.31
C MSE A 95 5.49 11.12 -2.20
O MSE A 95 5.06 10.60 -3.21
CB MSE A 95 7.75 11.92 -2.37
CG MSE A 95 8.67 12.93 -3.01
SE MSE A 95 10.54 12.22 -2.90
CE MSE A 95 10.29 10.15 -3.49
N PHE A 96 5.34 10.57 -0.99
CA PHE A 96 4.61 9.33 -0.82
C PHE A 96 3.16 9.50 -1.23
N PHE A 97 2.62 10.70 -1.07
CA PHE A 97 1.23 10.96 -1.37
C PHE A 97 0.96 11.37 -2.80
N GLU A 98 2.01 11.62 -3.58
CA GLU A 98 1.84 11.86 -5.02
C GLU A 98 1.44 10.53 -5.68
N GLU A 99 0.43 10.54 -6.54
CA GLU A 99 0.00 9.34 -7.22
C GLU A 99 1.11 8.84 -8.10
N HIS A 100 1.44 7.56 -7.92
CA HIS A 100 2.60 6.99 -8.61
C HIS A 100 2.45 5.46 -8.77
N LEU A 101 3.35 4.88 -9.55
CA LEU A 101 3.47 3.44 -9.65
C LEU A 101 4.95 3.07 -9.48
N HIS A 102 5.20 1.78 -9.28
CA HIS A 102 6.55 1.18 -9.23
C HIS A 102 6.61 0.08 -10.27
N LEU A 103 7.82 -0.25 -10.69
CA LEU A 103 8.01 -1.33 -11.63
C LEU A 103 8.08 -2.67 -10.93
N ASP A 104 7.90 -2.67 -9.62
CA ASP A 104 7.93 -3.90 -8.80
C ASP A 104 6.79 -3.82 -7.79
N GLU A 105 6.55 -4.93 -7.12
CA GLU A 105 5.57 -4.93 -6.02
C GLU A 105 5.96 -4.00 -4.89
N GLU A 106 4.96 -3.42 -4.26
CA GLU A 106 5.15 -2.68 -3.05
C GLU A 106 4.52 -3.47 -1.92
N ILE A 107 5.38 -3.96 -1.06
CA ILE A 107 4.97 -4.86 0.02
C ILE A 107 5.28 -4.22 1.36
N ARG A 108 4.26 -4.08 2.19
CA ARG A 108 4.40 -3.45 3.49
C ARG A 108 3.62 -4.27 4.50
N TYR A 109 4.27 -4.48 5.63
CA TYR A 109 3.72 -5.15 6.80
C TYR A 109 3.79 -4.19 7.97
N ILE A 110 2.63 -3.79 8.47
CA ILE A 110 2.54 -2.78 9.52
C ILE A 110 2.77 -3.43 10.88
N LEU A 111 3.81 -2.95 11.56
CA LEU A 111 4.24 -3.43 12.86
C LEU A 111 3.71 -2.62 14.05
N GLU A 112 3.61 -1.31 13.89
CA GLU A 112 2.99 -0.42 14.88
C GLU A 112 2.37 0.73 14.11
N GLY A 113 1.39 1.38 14.72
CA GLY A 113 0.79 2.54 14.12
C GLY A 113 -0.11 2.14 12.96
N SER A 114 -0.23 3.01 11.99
CA SER A 114 -1.22 2.86 10.95
C SER A 114 -1.07 3.87 9.85
N GLY A 115 -1.69 3.60 8.72
CA GLY A 115 -1.78 4.61 7.66
C GLY A 115 -2.73 4.17 6.57
N TYR A 116 -2.72 4.91 5.47
CA TYR A 116 -3.66 4.68 4.38
C TYR A 116 -2.88 4.49 3.10
N PHE A 117 -3.20 3.42 2.37
CA PHE A 117 -2.76 3.23 0.99
C PHE A 117 -3.98 3.44 0.16
N ASP A 118 -3.88 4.34 -0.79
CA ASP A 118 -5.00 4.60 -1.71
C ASP A 118 -4.58 3.98 -3.02
N VAL A 119 -5.53 3.31 -3.66
CA VAL A 119 -5.30 2.69 -4.94
C VAL A 119 -6.46 3.04 -5.90
N ARG A 120 -6.17 3.06 -7.20
CA ARG A 120 -7.18 3.30 -8.22
C ARG A 120 -7.88 2.02 -8.57
N ASP A 121 -9.20 2.12 -8.69
CA ASP A 121 -9.99 0.98 -9.09
C ASP A 121 -10.04 0.91 -10.62
N LYS A 122 -10.82 -0.02 -11.14
CA LYS A 122 -10.84 -0.22 -12.58
C LYS A 122 -11.44 0.93 -13.34
N GLU A 123 -12.24 1.75 -12.66
CA GLU A 123 -12.74 2.99 -13.27
C GLU A 123 -11.91 4.21 -12.88
N ASP A 124 -10.72 3.98 -12.34
CA ASP A 124 -9.85 5.07 -11.93
C ASP A 124 -10.46 5.91 -10.82
N LYS A 125 -11.23 5.29 -9.94
CA LYS A 125 -11.68 5.96 -8.73
C LYS A 125 -10.83 5.50 -7.54
N TRP A 126 -10.61 6.40 -6.59
CA TRP A 126 -9.79 6.10 -5.44
C TRP A 126 -10.49 5.23 -4.40
N ILE A 127 -9.80 4.17 -4.01
CA ILE A 127 -10.15 3.39 -2.86
C ILE A 127 -9.09 3.61 -1.80
N ARG A 128 -9.53 3.84 -0.58
CA ARG A 128 -8.61 4.01 0.53
C ARG A 128 -8.60 2.74 1.40
N ILE A 129 -7.41 2.23 1.66
CA ILE A 129 -7.17 1.01 2.44
C ILE A 129 -6.54 1.43 3.74
N SER A 130 -7.23 1.14 4.84
CA SER A 130 -6.72 1.44 6.16
C SER A 130 -5.88 0.30 6.68
N MSE A 131 -4.59 0.53 6.82
CA MSE A 131 -3.64 -0.47 7.32
C MSE A 131 -3.22 -0.21 8.76
O MSE A 131 -2.77 0.88 9.11
CB MSE A 131 -2.36 -0.42 6.47
CG MSE A 131 -2.59 -0.75 5.00
SE MSE A 131 -3.10 -2.65 4.78
CE MSE A 131 -1.16 -3.38 5.25
N GLU A 132 -3.38 -1.24 9.58
CA GLU A 132 -3.05 -1.20 10.99
C GLU A 132 -2.11 -2.32 11.37
N LYS A 133 -1.72 -2.31 12.63
CA LYS A 133 -0.77 -3.28 13.17
C LYS A 133 -1.24 -4.67 12.81
N GLY A 134 -0.36 -5.43 12.20
CA GLY A 134 -0.66 -6.81 11.86
C GLY A 134 -1.07 -7.01 10.41
N ASP A 135 -1.39 -5.93 9.71
CA ASP A 135 -1.81 -6.01 8.34
C ASP A 135 -0.60 -5.98 7.39
N MSE A 136 -0.62 -6.86 6.40
CA MSE A 136 0.37 -6.90 5.37
C MSE A 136 -0.29 -6.86 4.00
O MSE A 136 -1.26 -7.57 3.74
CB MSE A 136 1.17 -8.19 5.47
CG MSE A 136 2.23 -8.27 4.39
SE MSE A 136 3.43 -9.83 4.82
CE MSE A 136 4.39 -9.91 3.05
N ILE A 137 0.25 -6.05 3.12
CA ILE A 137 -0.38 -5.80 1.85
C ILE A 137 0.69 -5.84 0.78
N THR A 138 0.34 -6.33 -0.40
CA THR A 138 1.18 -6.14 -1.55
C THR A 138 0.36 -5.42 -2.62
N LEU A 139 0.92 -4.33 -3.13
CA LEU A 139 0.37 -3.61 -4.27
C LEU A 139 1.15 -4.02 -5.52
N PRO A 140 0.45 -4.47 -6.56
CA PRO A 140 1.18 -5.02 -7.69
C PRO A 140 1.92 -3.96 -8.51
N ALA A 141 3.01 -4.35 -9.16
CA ALA A 141 3.71 -3.45 -10.03
C ALA A 141 2.73 -2.88 -11.05
N GLY A 142 2.80 -1.56 -11.29
CA GLY A 142 1.94 -0.96 -12.28
C GLY A 142 0.67 -0.31 -11.76
N ILE A 143 0.26 -0.63 -10.53
CA ILE A 143 -0.90 0.01 -9.94
C ILE A 143 -0.58 1.42 -9.49
N TYR A 144 -1.49 2.34 -9.79
CA TYR A 144 -1.41 3.68 -9.34
C TYR A 144 -1.90 3.77 -7.91
N HIS A 145 -1.07 4.37 -7.08
CA HIS A 145 -1.30 4.38 -5.66
C HIS A 145 -0.58 5.54 -5.01
N ARG A 146 -0.87 5.69 -3.72
CA ARG A 146 -0.19 6.67 -2.91
C ARG A 146 -0.39 6.27 -1.45
N PHE A 147 0.38 6.91 -0.59
CA PHE A 147 0.40 6.59 0.82
C PHE A 147 0.42 7.84 1.67
N THR A 148 -0.33 7.80 2.77
CA THR A 148 -0.29 8.82 3.78
C THR A 148 -0.45 8.20 5.17
N LEU A 149 0.13 8.86 6.14
CA LEU A 149 -0.19 8.59 7.53
C LEU A 149 -1.64 9.01 7.76
N ASP A 150 -2.24 8.45 8.79
CA ASP A 150 -3.52 8.95 9.23
C ASP A 150 -3.33 9.95 10.35
N GLU A 151 -4.42 10.27 11.01
CA GLU A 151 -4.39 11.35 11.99
C GLU A 151 -3.53 11.06 13.22
N LYS A 152 -3.17 9.81 13.46
CA LYS A 152 -2.22 9.51 14.53
C LYS A 152 -0.76 9.79 14.15
N ASN A 153 -0.50 10.05 12.88
CA ASN A 153 0.83 10.47 12.42
C ASN A 153 2.00 9.56 12.77
N TYR A 154 1.80 8.25 12.67
CA TYR A 154 2.85 7.31 13.03
C TYR A 154 2.63 5.96 12.41
N VAL A 155 3.69 5.43 11.80
CA VAL A 155 3.70 4.05 11.34
C VAL A 155 5.12 3.49 11.42
N LYS A 156 5.18 2.24 11.86
CA LYS A 156 6.39 1.40 11.78
C LYS A 156 5.99 0.21 10.90
N ALA A 157 6.72 0.02 9.82
CA ALA A 157 6.41 -1.01 8.84
C ALA A 157 7.64 -1.72 8.41
N MSE A 158 7.45 -3.00 8.13
CA MSE A 158 8.44 -3.74 7.40
C MSE A 158 8.22 -3.56 5.89
O MSE A 158 7.12 -3.74 5.39
CB MSE A 158 8.36 -5.22 7.79
CG MSE A 158 9.45 -6.04 7.16
SE MSE A 158 9.15 -8.00 7.54
CE MSE A 158 9.38 -7.99 9.61
N ARG A 159 9.29 -3.23 5.18
CA ARG A 159 9.27 -3.20 3.73
C ARG A 159 9.86 -4.51 3.25
N LEU A 160 9.19 -5.19 2.33
CA LEU A 160 9.75 -6.41 1.74
C LEU A 160 9.94 -6.23 0.24
N PHE A 161 10.77 -7.07 -0.36
CA PHE A 161 11.07 -6.93 -1.77
C PHE A 161 11.49 -8.28 -2.35
N VAL A 162 11.12 -8.49 -3.61
CA VAL A 162 11.62 -9.63 -4.37
C VAL A 162 13.03 -9.29 -4.84
N GLY A 163 14.05 -9.73 -4.10
CA GLY A 163 15.44 -9.35 -4.43
C GLY A 163 15.81 -7.99 -3.86
N GLU A 164 16.94 -7.45 -4.32
CA GLU A 164 17.43 -6.15 -3.87
C GLU A 164 16.50 -5.06 -4.30
N PRO A 165 16.17 -4.15 -3.37
CA PRO A 165 15.14 -3.18 -3.62
C PRO A 165 15.52 -2.04 -4.55
N VAL A 166 14.54 -1.59 -5.31
CA VAL A 166 14.60 -0.32 -6.03
C VAL A 166 13.31 0.39 -5.61
N TRP A 167 13.41 1.57 -5.00
CA TRP A 167 12.20 2.23 -4.45
C TRP A 167 11.55 3.25 -5.39
N THR A 168 12.15 3.48 -6.53
CA THR A 168 11.76 4.56 -7.42
C THR A 168 10.28 4.62 -7.74
N PRO A 169 9.65 5.77 -7.41
CA PRO A 169 8.32 6.04 -7.89
C PRO A 169 8.33 6.70 -9.26
N TYR A 170 7.31 6.43 -10.05
CA TYR A 170 7.04 7.16 -11.25
C TYR A 170 5.68 7.77 -11.12
N ASN A 171 5.66 9.08 -10.92
CA ASN A 171 4.44 9.83 -10.74
C ASN A 171 3.62 9.81 -12.01
N ARG A 172 2.33 9.62 -11.83
CA ARG A 172 1.40 9.59 -12.94
C ARG A 172 1.43 10.91 -13.68
N PRO A 173 1.42 10.88 -15.02
CA PRO A 173 1.38 9.76 -15.94
C PRO A 173 2.71 9.01 -16.05
N ALA A 174 2.60 7.68 -15.98
CA ALA A 174 3.71 6.72 -16.13
C ALA A 174 3.23 5.52 -16.96
N ASP A 175 2.45 5.82 -17.98
CA ASP A 175 1.72 4.79 -18.73
C ASP A 175 2.58 4.01 -19.70
N HIS A 176 3.78 4.50 -20.02
CA HIS A 176 4.58 3.83 -21.04
C HIS A 176 5.26 2.58 -20.55
N PHE A 177 5.41 2.40 -19.25
CA PHE A 177 6.21 1.29 -18.75
C PHE A 177 5.60 -0.08 -19.01
N ASP A 178 6.45 -1.07 -19.32
CA ASP A 178 5.98 -2.45 -19.44
C ASP A 178 5.20 -2.94 -18.22
N ALA A 179 5.62 -2.56 -17.02
CA ALA A 179 4.91 -3.01 -15.84
C ALA A 179 3.48 -2.51 -15.85
N ARG A 180 3.27 -1.29 -16.36
CA ARG A 180 1.94 -0.73 -16.40
C ARG A 180 1.11 -1.43 -17.46
N VAL A 181 1.68 -1.60 -18.63
CA VAL A 181 1.02 -2.34 -19.71
C VAL A 181 0.60 -3.76 -19.28
N GLN A 182 1.49 -4.49 -18.63
CA GLN A 182 1.16 -5.81 -18.14
C GLN A 182 0.09 -5.80 -17.04
N TYR A 183 0.14 -4.81 -16.16
CA TYR A 183 -0.87 -4.67 -15.12
C TYR A 183 -2.27 -4.42 -15.72
N MSE A 184 -2.33 -3.56 -16.70
CA MSE A 184 -3.58 -3.31 -17.42
C MSE A 184 -4.12 -4.60 -18.01
O MSE A 184 -5.31 -4.89 -17.98
CB MSE A 184 -3.29 -2.38 -18.58
CG MSE A 184 -2.83 -1.02 -18.17
SE MSE A 184 -4.32 -0.15 -17.34
CE MSE A 184 -5.00 0.89 -19.04
N SER A 185 -3.22 -5.37 -18.59
CA SER A 185 -3.60 -6.62 -19.22
C SER A 185 -4.08 -7.62 -18.15
N PHE A 186 -3.48 -7.60 -16.98
CA PHE A 186 -4.00 -8.37 -15.85
C PHE A 186 -5.43 -7.96 -15.48
N LEU A 187 -5.67 -6.66 -15.44
CA LEU A 187 -6.98 -6.16 -15.09
C LEU A 187 -8.07 -6.64 -16.04
N GLU A 188 -7.79 -6.78 -17.32
CA GLU A 188 -8.82 -7.30 -18.25
C GLU A 188 -9.28 -8.72 -17.84
N GLY A 189 -8.40 -9.48 -17.20
CA GLY A 189 -8.70 -10.87 -16.83
C GLY A 189 -9.44 -11.10 -15.51
N THR A 190 -9.59 -10.07 -14.68
CA THR A 190 -10.30 -10.22 -13.40
C THR A 190 -11.74 -9.75 -13.53
N ALA A 191 -12.54 -10.02 -12.49
CA ALA A 191 -13.97 -9.62 -12.43
C ALA A 191 -14.26 -8.09 -12.51
NI NI B . 4.58 3.49 -3.77
O1 UNL C . 6.24 4.29 -2.47
O2 UNL C . 5.14 4.37 -0.58
O3 UNL C . 6.88 3.97 0.39
O4 UNL C . 6.98 2.98 2.96
O5 UNL C . 4.94 2.67 4.28
O6 UNL C . 3.71 4.09 -1.87
O7 UNL C . 9.16 3.70 1.96
O8 UNL C . 9.79 3.41 0.01
O9 UNL C . 5.21 3.43 2.31
C1 IPA D . 13.25 -17.15 -2.28
C2 IPA D . 11.93 -17.92 -2.05
C3 IPA D . 12.16 -19.28 -1.37
O2 IPA D . 11.30 -18.11 -3.29
#